data_5UJK
#
_entry.id   5UJK
#
_cell.length_a   108.189
_cell.length_b   108.189
_cell.length_c   104.321
_cell.angle_alpha   90.00
_cell.angle_beta   90.00
_cell.angle_gamma   120.00
#
_symmetry.space_group_name_H-M   'P 64 2 2'
#
loop_
_entity.id
_entity.type
_entity.pdbx_description
1 polymer 'Malate dehydrogenase'
2 non-polymer NICOTINAMIDE-ADENINE-DINUCLEOTIDE
3 non-polymer 'CALCIUM ION'
4 non-polymer 'CHLORIDE ION'
5 water water
#
_entity_poly.entity_id   1
_entity_poly.type   'polypeptide(L)'
_entity_poly.pdbx_seq_one_letter_code
;MARSKIALIGAGQIGGTLAHLAGLKELGDVVLFDIVDGVPQGKALDIAESAPVDGFDAKYSGASDYSAIAGADVVIVTAG
VPRKPGMSRDDLIGINLKVMEAVGAGIKEHAPDAFVICITNPLDAMVWALQKFSGLPTNKVVGMAGVLDSARFRHFLAEE
FGVSVEDVTAFVLGGHGDDMVPLTRYSTVAGVPLTDLVKLGWTTQEKLDAMVERTRKGGGEIVNLLKTGSAFYAPAASAI
AMAESYLRDKKRVLPCAAYLDGQYGIDGLYVGVPVVIGENGVERVLEVTFNDDEKAMFEKSVNSVKGLIEACKSVNDKLA
;
_entity_poly.pdbx_strand_id   A
#
# COMPACT_ATOMS: atom_id res chain seq x y z
N ALA A 2 -0.03 -17.86 20.58
CA ALA A 2 -1.22 -17.42 19.77
C ALA A 2 -1.51 -15.88 19.65
N ARG A 3 -0.58 -14.94 19.95
CA ARG A 3 -0.70 -13.60 19.39
C ARG A 3 -0.62 -13.74 17.89
N SER A 4 -1.22 -12.78 17.19
CA SER A 4 -1.00 -12.69 15.78
C SER A 4 0.50 -12.54 15.45
N LYS A 5 0.88 -13.03 14.27
CA LYS A 5 2.26 -12.95 13.82
C LYS A 5 2.31 -12.16 12.51
N ILE A 6 3.15 -11.11 12.49
CA ILE A 6 3.31 -10.28 11.32
C ILE A 6 4.73 -10.41 10.80
N ALA A 7 4.84 -10.81 9.53
CA ALA A 7 6.16 -10.96 8.92
C ALA A 7 6.32 -9.79 7.95
N LEU A 8 7.46 -9.15 8.04
CA LEU A 8 7.81 -7.97 7.24
C LEU A 8 9.00 -8.38 6.37
N ILE A 9 8.69 -8.57 5.10
CA ILE A 9 9.70 -9.04 4.14
C ILE A 9 10.33 -7.79 3.49
N GLY A 10 11.53 -7.49 3.95
CA GLY A 10 12.19 -6.20 3.68
C GLY A 10 12.20 -5.43 4.98
N ALA A 11 13.42 -5.05 5.39
CA ALA A 11 13.60 -4.39 6.67
C ALA A 11 14.30 -3.05 6.51
N GLY A 12 14.02 -2.40 5.36
CA GLY A 12 14.52 -1.11 5.04
C GLY A 12 13.68 0.00 5.60
N GLN A 13 13.59 1.09 4.84
CA GLN A 13 12.94 2.30 5.41
C GLN A 13 11.49 2.06 5.82
N ILE A 14 10.72 1.49 4.88
CA ILE A 14 9.34 1.20 5.18
C ILE A 14 9.23 0.05 6.15
N GLY A 15 10.01 -1.01 5.92
CA GLY A 15 9.91 -2.16 6.80
C GLY A 15 10.17 -1.88 8.27
N GLY A 16 11.19 -1.08 8.58
CA GLY A 16 11.43 -0.67 10.00
C GLY A 16 10.26 0.06 10.60
N THR A 17 9.71 0.97 9.80
CA THR A 17 8.58 1.82 10.20
C THR A 17 7.32 0.93 10.42
N LEU A 18 7.08 -0.01 9.52
CA LEU A 18 6.01 -1.00 9.72
C LEU A 18 6.19 -1.72 11.06
N ALA A 19 7.42 -2.15 11.31
CA ALA A 19 7.71 -2.88 12.54
C ALA A 19 7.43 -2.04 13.79
N HIS A 20 7.78 -0.76 13.72
CA HIS A 20 7.61 0.14 14.86
C HIS A 20 6.10 0.33 15.08
N LEU A 21 5.37 0.68 14.03
CA LEU A 21 3.95 0.82 14.15
C LEU A 21 3.21 -0.40 14.66
N ALA A 22 3.61 -1.58 14.21
CA ALA A 22 2.97 -2.82 14.66
C ALA A 22 3.14 -3.03 16.14
N GLY A 23 4.27 -2.57 16.69
CA GLY A 23 4.48 -2.61 18.11
C GLY A 23 3.60 -1.63 18.86
N LEU A 24 3.71 -0.38 18.46
CA LEU A 24 2.95 0.69 19.10
C LEU A 24 1.45 0.38 19.11
N LYS A 25 0.95 -0.19 18.00
CA LYS A 25 -0.44 -0.53 17.88
C LYS A 25 -0.81 -1.92 18.47
N GLU A 26 0.17 -2.62 19.01
CA GLU A 26 -0.05 -3.87 19.71
C GLU A 26 -0.73 -4.91 18.82
N LEU A 27 -0.31 -4.93 17.55
CA LEU A 27 -0.92 -5.80 16.58
C LEU A 27 -0.47 -7.24 16.66
N GLY A 28 0.64 -7.49 17.32
CA GLY A 28 1.21 -8.83 17.53
C GLY A 28 2.68 -8.95 17.43
N ASP A 29 3.13 -10.20 17.30
CA ASP A 29 4.55 -10.48 17.17
C ASP A 29 5.04 -10.10 15.80
N VAL A 30 6.31 -9.75 15.68
CA VAL A 30 6.85 -9.23 14.40
C VAL A 30 8.15 -9.98 14.08
N VAL A 31 8.24 -10.44 12.81
CA VAL A 31 9.44 -10.95 12.25
C VAL A 31 9.86 -10.05 11.10
N LEU A 32 11.09 -9.50 11.16
CA LEU A 32 11.64 -8.69 10.08
C LEU A 32 12.56 -9.62 9.30
N PHE A 33 12.41 -9.64 7.96
CA PHE A 33 13.19 -10.48 7.10
C PHE A 33 13.96 -9.59 6.13
N ASP A 34 15.24 -9.90 5.87
CA ASP A 34 15.97 -9.22 4.82
C ASP A 34 17.08 -10.12 4.34
N ILE A 35 17.59 -9.85 3.15
CA ILE A 35 18.81 -10.50 2.68
C ILE A 35 20.06 -9.90 3.24
N VAL A 36 19.97 -8.67 3.76
CA VAL A 36 21.16 -8.09 4.38
C VAL A 36 21.22 -8.54 5.80
N ASP A 37 22.17 -9.44 6.11
CA ASP A 37 22.16 -9.97 7.47
C ASP A 37 22.57 -8.88 8.49
N GLY A 38 21.96 -8.91 9.68
CA GLY A 38 22.20 -7.94 10.68
C GLY A 38 21.13 -6.82 10.75
N VAL A 39 20.71 -6.34 9.59
CA VAL A 39 19.74 -5.27 9.51
C VAL A 39 18.42 -5.64 10.18
N PRO A 40 17.77 -6.75 9.78
CA PRO A 40 16.48 -7.04 10.43
C PRO A 40 16.68 -7.37 11.92
N GLN A 41 17.78 -8.03 12.28
CA GLN A 41 18.03 -8.37 13.67
C GLN A 41 18.23 -7.12 14.50
N GLY A 42 18.93 -6.14 13.98
CA GLY A 42 19.19 -4.92 14.70
C GLY A 42 17.96 -4.05 14.88
N LYS A 43 17.19 -3.90 13.82
CA LYS A 43 15.97 -3.09 13.93
C LYS A 43 15.01 -3.80 14.87
N ALA A 44 14.92 -5.15 14.75
CA ALA A 44 14.01 -5.88 15.64
C ALA A 44 14.36 -5.66 17.10
N LEU A 45 15.62 -5.80 17.39
CA LEU A 45 16.08 -5.65 18.76
C LEU A 45 15.92 -4.21 19.28
N ASP A 46 16.22 -3.25 18.43
CA ASP A 46 16.01 -1.84 18.80
C ASP A 46 14.53 -1.57 19.15
N ILE A 47 13.61 -2.02 18.30
CA ILE A 47 12.19 -1.81 18.57
C ILE A 47 11.81 -2.58 19.85
N ALA A 48 12.28 -3.82 19.96
CA ALA A 48 11.99 -4.60 21.19
C ALA A 48 12.42 -3.87 22.41
N GLU A 49 13.60 -3.29 22.36
CA GLU A 49 14.10 -2.52 23.46
C GLU A 49 13.36 -1.20 23.76
N SER A 50 12.63 -0.70 22.78
CA SER A 50 11.82 0.45 22.98
C SER A 50 10.50 0.10 23.74
N ALA A 51 10.10 -1.18 23.65
CA ALA A 51 8.76 -1.57 24.07
C ALA A 51 8.43 -1.25 25.51
N PRO A 52 9.39 -1.40 26.47
CA PRO A 52 9.03 -1.13 27.83
C PRO A 52 8.67 0.33 28.07
N VAL A 53 9.12 1.25 27.20
CA VAL A 53 8.74 2.64 27.38
C VAL A 53 7.23 2.85 27.22
N ASP A 54 6.61 2.26 26.20
N ASP A 54 6.68 2.23 26.20
CA ASP A 54 5.11 2.37 26.05
CA ASP A 54 5.28 2.42 25.83
C ASP A 54 4.31 1.24 26.60
C ASP A 54 4.37 1.24 26.34
N GLY A 55 4.96 0.14 26.86
CA GLY A 55 4.31 -0.98 27.53
C GLY A 55 3.70 -1.99 26.56
N PHE A 56 4.17 -2.08 25.32
CA PHE A 56 3.63 -3.08 24.39
C PHE A 56 4.39 -4.38 24.53
N ASP A 57 3.65 -5.47 24.63
CA ASP A 57 4.24 -6.83 24.69
C ASP A 57 4.13 -7.50 23.32
N ALA A 58 5.29 -7.70 22.73
CA ALA A 58 5.41 -8.26 21.39
C ALA A 58 6.80 -8.85 21.26
N LYS A 59 6.86 -10.02 20.60
CA LYS A 59 8.11 -10.61 20.30
C LYS A 59 8.58 -10.02 18.99
N TYR A 60 9.87 -9.71 18.91
CA TYR A 60 10.52 -9.16 17.70
C TYR A 60 11.68 -10.05 17.39
N SER A 61 11.87 -10.35 16.10
CA SER A 61 13.02 -11.08 15.69
C SER A 61 13.35 -10.68 14.28
N GLY A 62 14.62 -10.90 13.91
CA GLY A 62 15.06 -10.70 12.55
C GLY A 62 15.62 -11.96 11.98
N ALA A 63 15.52 -12.09 10.66
CA ALA A 63 15.93 -13.32 9.97
C ALA A 63 16.29 -13.04 8.52
N SER A 64 17.11 -13.94 8.00
CA SER A 64 17.31 -14.07 6.59
C SER A 64 16.96 -15.45 6.04
N ASP A 65 16.33 -16.31 6.83
N ASP A 65 16.23 -16.24 6.82
CA ASP A 65 15.73 -17.55 6.33
CA ASP A 65 15.72 -17.56 6.47
C ASP A 65 14.22 -17.52 6.47
C ASP A 65 14.20 -17.55 6.50
N TYR A 66 13.55 -17.96 5.41
CA TYR A 66 12.09 -17.86 5.33
C TYR A 66 11.39 -18.74 6.33
N SER A 67 12.05 -19.76 6.86
CA SER A 67 11.43 -20.53 7.93
C SER A 67 11.01 -19.62 9.07
N ALA A 68 11.68 -18.47 9.25
CA ALA A 68 11.33 -17.55 10.31
C ALA A 68 9.95 -16.98 10.20
N ILE A 69 9.41 -16.93 8.99
CA ILE A 69 8.06 -16.38 8.79
C ILE A 69 6.91 -17.42 8.96
N ALA A 70 7.24 -18.63 9.37
CA ALA A 70 6.28 -19.70 9.40
C ALA A 70 5.05 -19.29 10.22
N GLY A 71 3.88 -19.53 9.62
CA GLY A 71 2.61 -19.29 10.26
C GLY A 71 2.21 -17.83 10.40
N ALA A 72 2.92 -16.93 9.71
CA ALA A 72 2.55 -15.52 9.72
C ALA A 72 1.09 -15.33 9.34
N ASP A 73 0.40 -14.48 10.11
CA ASP A 73 -0.98 -14.12 9.76
C ASP A 73 -1.09 -13.03 8.69
N VAL A 74 -0.13 -12.12 8.75
CA VAL A 74 0.02 -11.04 7.78
C VAL A 74 1.47 -11.01 7.33
N VAL A 75 1.67 -10.81 6.03
CA VAL A 75 3.01 -10.63 5.48
C VAL A 75 2.98 -9.33 4.70
N ILE A 76 3.90 -8.43 4.99
CA ILE A 76 3.95 -7.14 4.26
C ILE A 76 5.29 -7.06 3.56
N VAL A 77 5.24 -6.88 2.23
CA VAL A 77 6.39 -7.01 1.38
C VAL A 77 6.87 -5.66 0.88
N THR A 78 8.10 -5.30 1.27
CA THR A 78 8.78 -4.12 0.77
C THR A 78 10.10 -4.47 0.12
N ALA A 79 10.43 -5.75 0.08
CA ALA A 79 11.74 -6.18 -0.43
C ALA A 79 11.92 -5.80 -1.89
N GLY A 80 13.13 -5.35 -2.23
CA GLY A 80 13.41 -4.92 -3.59
C GLY A 80 14.46 -3.87 -3.56
N VAL A 81 14.72 -3.33 -4.73
CA VAL A 81 15.79 -2.35 -4.94
C VAL A 81 15.18 -1.08 -5.51
N PRO A 82 15.83 0.07 -5.27
CA PRO A 82 15.41 1.33 -5.88
C PRO A 82 15.85 1.46 -7.35
N ARG A 83 15.09 2.25 -8.10
CA ARG A 83 15.44 2.61 -9.48
C ARG A 83 16.48 3.72 -9.43
N LYS A 84 17.75 3.31 -9.36
CA LYS A 84 18.89 4.23 -9.46
C LYS A 84 18.84 5.00 -10.82
N PRO A 85 19.20 6.32 -10.84
CA PRO A 85 19.23 7.15 -12.06
C PRO A 85 19.69 6.51 -13.38
N GLY A 86 20.64 5.55 -13.35
CA GLY A 86 21.08 4.81 -14.55
C GLY A 86 20.30 3.54 -14.92
N MET A 87 19.14 3.31 -14.28
CA MET A 87 18.34 2.10 -14.48
C MET A 87 17.04 2.34 -15.25
N SER A 88 16.81 1.48 -16.24
CA SER A 88 15.56 1.42 -16.99
C SER A 88 14.38 0.93 -16.13
N ARG A 89 13.18 1.04 -16.69
CA ARG A 89 11.96 0.54 -16.08
C ARG A 89 11.96 -0.98 -16.13
N ASP A 90 12.27 -1.50 -17.30
CA ASP A 90 12.52 -2.93 -17.50
C ASP A 90 13.58 -3.49 -16.57
N ASP A 91 14.68 -2.78 -16.38
CA ASP A 91 15.76 -3.19 -15.45
C ASP A 91 15.15 -3.40 -14.09
N LEU A 92 14.46 -2.35 -13.62
CA LEU A 92 13.83 -2.37 -12.29
C LEU A 92 12.83 -3.53 -12.13
N ILE A 93 11.94 -3.65 -13.11
CA ILE A 93 10.97 -4.70 -13.09
C ILE A 93 11.72 -6.03 -13.07
N GLY A 94 12.75 -6.16 -13.91
CA GLY A 94 13.50 -7.42 -14.02
C GLY A 94 13.99 -7.80 -12.64
N ILE A 95 14.60 -6.82 -11.98
CA ILE A 95 15.21 -7.04 -10.68
C ILE A 95 14.22 -7.36 -9.57
N ASN A 96 13.21 -6.54 -9.48
CA ASN A 96 12.24 -6.66 -8.42
C ASN A 96 11.29 -7.81 -8.72
N LEU A 97 11.05 -8.17 -9.98
CA LEU A 97 10.32 -9.45 -10.27
C LEU A 97 11.05 -10.66 -9.70
N LYS A 98 12.38 -10.68 -9.83
CA LYS A 98 13.22 -11.75 -9.28
C LYS A 98 13.07 -11.78 -7.75
N VAL A 99 12.97 -10.59 -7.12
CA VAL A 99 12.81 -10.53 -5.70
C VAL A 99 11.41 -11.14 -5.36
N MET A 100 10.38 -10.76 -6.12
CA MET A 100 9.03 -11.28 -5.88
C MET A 100 9.00 -12.78 -6.05
N GLU A 101 9.79 -13.31 -6.96
CA GLU A 101 9.87 -14.73 -7.12
C GLU A 101 10.32 -15.45 -5.85
N ALA A 102 11.40 -14.96 -5.27
CA ALA A 102 11.94 -15.50 -4.03
C ALA A 102 10.97 -15.31 -2.86
N VAL A 103 10.36 -14.12 -2.79
CA VAL A 103 9.46 -13.79 -1.69
C VAL A 103 8.20 -14.68 -1.85
N GLY A 104 7.71 -14.83 -3.08
CA GLY A 104 6.53 -15.63 -3.29
C GLY A 104 6.75 -17.07 -2.89
N ALA A 105 7.92 -17.59 -3.22
CA ALA A 105 8.32 -18.97 -2.85
C ALA A 105 8.37 -19.14 -1.36
N GLY A 106 8.88 -18.12 -0.66
CA GLY A 106 8.97 -18.18 0.79
C GLY A 106 7.61 -18.17 1.46
N ILE A 107 6.70 -17.34 0.95
CA ILE A 107 5.38 -17.29 1.49
C ILE A 107 4.64 -18.60 1.21
N LYS A 108 4.67 -19.06 -0.05
CA LYS A 108 4.09 -20.35 -0.44
C LYS A 108 4.43 -21.48 0.53
N GLU A 109 5.74 -21.61 0.84
CA GLU A 109 6.23 -22.72 1.66
C GLU A 109 5.89 -22.51 3.13
N HIS A 110 6.06 -21.29 3.60
CA HIS A 110 6.06 -21.04 5.06
C HIS A 110 4.87 -20.32 5.66
N ALA A 111 4.20 -19.49 4.86
CA ALA A 111 3.04 -18.77 5.34
C ALA A 111 1.88 -18.78 4.34
N PRO A 112 1.42 -19.97 3.98
CA PRO A 112 0.42 -20.07 2.91
C PRO A 112 -0.92 -19.52 3.29
N ASP A 113 -1.20 -19.40 4.60
CA ASP A 113 -2.49 -18.89 5.07
C ASP A 113 -2.47 -17.37 5.38
N ALA A 114 -1.38 -16.71 5.02
CA ALA A 114 -1.23 -15.27 5.33
C ALA A 114 -2.10 -14.35 4.46
N PHE A 115 -2.46 -13.19 5.01
CA PHE A 115 -2.88 -12.04 4.22
C PHE A 115 -1.63 -11.29 3.85
N VAL A 116 -1.40 -11.17 2.54
CA VAL A 116 -0.20 -10.57 2.02
C VAL A 116 -0.48 -9.14 1.49
N ILE A 117 0.28 -8.17 1.95
CA ILE A 117 0.24 -6.79 1.47
C ILE A 117 1.52 -6.43 0.79
N CYS A 118 1.43 -6.21 -0.51
CA CYS A 118 2.63 -5.89 -1.30
C CYS A 118 2.76 -4.36 -1.29
N ILE A 119 3.99 -3.91 -1.16
CA ILE A 119 4.33 -2.45 -1.25
C ILE A 119 5.34 -2.21 -2.39
N THR A 120 6.30 -3.15 -2.59
CA THR A 120 7.37 -3.02 -3.62
C THR A 120 6.89 -2.50 -4.95
N ASN A 121 7.63 -1.55 -5.51
CA ASN A 121 7.32 -0.99 -6.81
C ASN A 121 7.94 -1.78 -7.94
N PRO A 122 7.39 -1.66 -9.15
CA PRO A 122 6.15 -0.91 -9.46
C PRO A 122 4.93 -1.73 -9.03
N LEU A 123 4.16 -1.16 -8.13
CA LEU A 123 3.23 -1.89 -7.32
C LEU A 123 2.21 -2.71 -8.13
N ASP A 124 1.56 -2.13 -9.14
CA ASP A 124 0.43 -2.87 -9.72
CA ASP A 124 0.54 -2.82 -9.97
C ASP A 124 0.99 -4.17 -10.41
N ALA A 125 2.22 -4.16 -10.89
CA ALA A 125 2.85 -5.34 -11.44
C ALA A 125 3.40 -6.23 -10.37
N MET A 126 4.05 -5.66 -9.33
CA MET A 126 4.64 -6.52 -8.33
C MET A 126 3.59 -7.32 -7.56
N VAL A 127 2.43 -6.71 -7.26
CA VAL A 127 1.42 -7.42 -6.52
C VAL A 127 0.86 -8.57 -7.36
N TRP A 128 0.64 -8.30 -8.63
CA TRP A 128 0.17 -9.31 -9.60
C TRP A 128 1.18 -10.47 -9.68
N ALA A 129 2.45 -10.12 -9.79
CA ALA A 129 3.51 -11.14 -9.85
C ALA A 129 3.60 -11.96 -8.55
N LEU A 130 3.48 -11.29 -7.42
CA LEU A 130 3.62 -11.95 -6.13
C LEU A 130 2.48 -12.92 -5.91
N GLN A 131 1.28 -12.55 -6.28
CA GLN A 131 0.16 -13.49 -6.19
C GLN A 131 0.45 -14.73 -7.06
N LYS A 132 0.93 -14.53 -8.29
CA LYS A 132 1.18 -15.62 -9.22
C LYS A 132 2.29 -16.52 -8.68
N PHE A 133 3.36 -15.90 -8.21
CA PHE A 133 4.48 -16.69 -7.67
C PHE A 133 4.14 -17.46 -6.40
N SER A 134 3.37 -16.85 -5.50
CA SER A 134 3.04 -17.48 -4.24
C SER A 134 1.92 -18.50 -4.37
N GLY A 135 1.03 -18.33 -5.36
CA GLY A 135 -0.15 -19.22 -5.51
C GLY A 135 -1.25 -18.98 -4.45
N LEU A 136 -1.12 -17.96 -3.61
CA LEU A 136 -2.11 -17.71 -2.56
C LEU A 136 -3.42 -17.26 -3.20
N PRO A 137 -4.50 -17.43 -2.47
CA PRO A 137 -5.77 -17.02 -3.03
C PRO A 137 -5.75 -15.53 -3.36
N THR A 138 -6.38 -15.13 -4.45
CA THR A 138 -6.34 -13.77 -4.91
C THR A 138 -6.92 -12.76 -3.87
N ASN A 139 -7.92 -13.19 -3.09
CA ASN A 139 -8.46 -12.37 -2.02
C ASN A 139 -7.57 -12.21 -0.81
N LYS A 140 -6.45 -12.91 -0.79
CA LYS A 140 -5.50 -12.85 0.32
C LYS A 140 -4.20 -12.16 -0.06
N VAL A 141 -4.15 -11.56 -1.25
CA VAL A 141 -3.00 -10.79 -1.70
C VAL A 141 -3.53 -9.48 -2.22
N VAL A 142 -3.00 -8.38 -1.68
CA VAL A 142 -3.42 -7.00 -2.06
C VAL A 142 -2.19 -6.14 -2.12
N GLY A 143 -2.31 -5.02 -2.81
CA GLY A 143 -1.26 -4.04 -2.84
C GLY A 143 -1.67 -2.73 -2.15
N MET A 144 -0.73 -2.14 -1.44
CA MET A 144 -0.95 -0.80 -0.89
C MET A 144 -0.55 0.21 -1.98
N ALA A 145 -1.49 1.12 -2.29
CA ALA A 145 -1.20 2.30 -3.03
C ALA A 145 -2.23 3.38 -2.74
N GLY A 146 -3.50 3.09 -2.95
CA GLY A 146 -4.56 4.10 -2.81
C GLY A 146 -4.67 4.74 -1.44
N VAL A 147 -4.41 3.97 -0.39
CA VAL A 147 -4.50 4.55 0.95
C VAL A 147 -3.52 5.70 1.09
N LEU A 148 -2.35 5.52 0.54
CA LEU A 148 -1.32 6.58 0.57
C LEU A 148 -1.78 7.81 -0.17
N ASP A 149 -2.28 7.63 -1.38
CA ASP A 149 -2.83 8.76 -2.12
C ASP A 149 -3.96 9.43 -1.35
N SER A 150 -4.86 8.64 -0.77
CA SER A 150 -5.96 9.16 0.04
C SER A 150 -5.41 9.99 1.19
N ALA A 151 -4.41 9.48 1.88
CA ALA A 151 -3.82 10.15 3.02
C ALA A 151 -3.19 11.49 2.63
N ARG A 152 -2.44 11.49 1.54
CA ARG A 152 -1.82 12.75 1.08
C ARG A 152 -2.91 13.77 0.74
N PHE A 153 -3.91 13.36 -0.04
CA PHE A 153 -4.97 14.27 -0.45
C PHE A 153 -5.71 14.81 0.77
N ARG A 154 -6.03 13.92 1.73
CA ARG A 154 -6.64 14.35 3.00
C ARG A 154 -5.83 15.39 3.75
N HIS A 155 -4.51 15.21 3.80
CA HIS A 155 -3.66 16.21 4.42
C HIS A 155 -3.77 17.58 3.70
N PHE A 156 -3.73 17.54 2.37
CA PHE A 156 -3.80 18.79 1.64
C PHE A 156 -5.19 19.48 1.83
N LEU A 157 -6.22 18.66 1.86
CA LEU A 157 -7.59 19.19 2.04
C LEU A 157 -7.76 19.77 3.43
N ALA A 158 -7.33 19.04 4.43
CA ALA A 158 -7.48 19.52 5.76
C ALA A 158 -6.75 20.87 5.96
N GLU A 159 -5.56 21.01 5.37
N GLU A 159 -5.55 21.00 5.38
CA GLU A 159 -4.84 22.25 5.40
CA GLU A 159 -4.80 22.27 5.35
C GLU A 159 -5.59 23.37 4.65
C GLU A 159 -5.58 23.37 4.65
N GLU A 160 -6.20 23.04 3.52
CA GLU A 160 -6.90 24.01 2.74
C GLU A 160 -8.12 24.57 3.47
N PHE A 161 -8.89 23.66 4.07
CA PHE A 161 -10.16 24.04 4.72
C PHE A 161 -9.97 24.44 6.17
N GLY A 162 -8.79 24.21 6.72
CA GLY A 162 -8.57 24.44 8.12
C GLY A 162 -9.46 23.64 9.03
N VAL A 163 -9.50 22.33 8.78
CA VAL A 163 -10.30 21.41 9.57
C VAL A 163 -9.49 20.18 9.91
N SER A 164 -10.03 19.38 10.83
CA SER A 164 -9.36 18.18 11.25
C SER A 164 -9.18 17.17 10.14
N VAL A 165 -8.03 16.49 10.11
CA VAL A 165 -7.87 15.41 9.18
C VAL A 165 -8.95 14.31 9.38
N GLU A 166 -9.53 14.22 10.59
CA GLU A 166 -10.48 13.22 10.88
C GLU A 166 -11.80 13.37 10.06
N ASP A 167 -12.10 14.60 9.63
CA ASP A 167 -13.35 14.90 8.93
C ASP A 167 -13.21 15.07 7.45
N VAL A 168 -12.05 14.69 6.90
CA VAL A 168 -11.87 14.70 5.47
C VAL A 168 -11.85 13.24 4.95
N THR A 169 -12.51 13.03 3.80
CA THR A 169 -12.48 11.75 3.08
C THR A 169 -11.99 12.02 1.68
N ALA A 170 -11.08 11.18 1.18
CA ALA A 170 -10.58 11.24 -0.19
C ALA A 170 -10.92 9.95 -0.89
N PHE A 171 -11.48 10.05 -2.09
CA PHE A 171 -11.83 8.88 -2.89
C PHE A 171 -10.90 8.84 -4.09
N VAL A 172 -10.09 7.82 -4.10
CA VAL A 172 -9.10 7.60 -5.19
C VAL A 172 -9.10 6.16 -5.63
N LEU A 173 -9.01 5.96 -6.91
CA LEU A 173 -8.88 4.62 -7.48
C LEU A 173 -7.66 4.59 -8.38
N GLY A 174 -7.35 3.40 -8.91
CA GLY A 174 -6.23 3.30 -9.83
C GLY A 174 -4.91 3.27 -9.12
N GLY A 175 -3.89 3.85 -9.74
CA GLY A 175 -2.52 3.84 -9.21
C GLY A 175 -2.08 5.22 -8.81
N HIS A 176 -0.78 5.45 -8.79
CA HIS A 176 -0.22 6.73 -8.43
C HIS A 176 0.02 7.58 -9.65
N GLY A 177 0.26 8.89 -9.46
CA GLY A 177 0.70 9.74 -10.53
C GLY A 177 -0.39 9.90 -11.61
N ASP A 178 0.03 9.73 -12.86
CA ASP A 178 -0.89 9.88 -13.98
C ASP A 178 -1.96 8.77 -13.96
N ASP A 179 -1.68 7.65 -13.27
CA ASP A 179 -2.63 6.55 -13.16
C ASP A 179 -3.64 6.72 -12.04
N MET A 180 -3.52 7.78 -11.25
CA MET A 180 -4.52 8.01 -10.19
C MET A 180 -5.85 8.47 -10.78
N VAL A 181 -6.95 8.00 -10.20
CA VAL A 181 -8.28 8.35 -10.63
C VAL A 181 -9.00 8.93 -9.39
N PRO A 182 -8.86 10.22 -9.18
CA PRO A 182 -9.57 10.87 -8.09
C PRO A 182 -11.01 11.11 -8.45
N LEU A 183 -11.89 10.96 -7.46
CA LEU A 183 -13.29 11.43 -7.61
C LEU A 183 -13.48 12.51 -6.54
N THR A 184 -13.31 13.77 -6.93
CA THR A 184 -13.51 14.87 -5.99
C THR A 184 -14.98 14.91 -5.50
N ARG A 185 -15.93 14.45 -6.33
CA ARG A 185 -17.32 14.41 -5.88
C ARG A 185 -17.62 13.41 -4.79
N TYR A 186 -16.72 12.40 -4.60
CA TYR A 186 -16.87 11.44 -3.55
C TYR A 186 -15.79 11.65 -2.48
N SER A 187 -15.18 12.83 -2.53
CA SER A 187 -14.28 13.30 -1.51
C SER A 187 -15.01 14.36 -0.73
N THR A 188 -14.86 14.44 0.62
CA THR A 188 -15.75 15.24 1.40
C THR A 188 -15.05 15.87 2.62
N VAL A 189 -15.67 16.94 3.11
CA VAL A 189 -15.44 17.44 4.44
C VAL A 189 -16.74 17.25 5.18
N ALA A 190 -16.72 16.47 6.23
CA ALA A 190 -17.94 16.22 7.02
C ALA A 190 -19.13 15.73 6.20
N GLY A 191 -18.84 15.03 5.11
CA GLY A 191 -19.93 14.52 4.27
C GLY A 191 -20.27 15.44 3.09
N VAL A 192 -19.73 16.68 3.07
CA VAL A 192 -20.03 17.57 2.01
C VAL A 192 -19.00 17.40 0.92
N PRO A 193 -19.44 17.10 -0.32
CA PRO A 193 -18.46 16.80 -1.35
C PRO A 193 -17.60 18.02 -1.70
N LEU A 194 -16.39 17.79 -2.16
CA LEU A 194 -15.47 18.90 -2.48
C LEU A 194 -16.05 19.81 -3.55
N THR A 195 -16.80 19.23 -4.49
CA THR A 195 -17.42 19.95 -5.57
C THR A 195 -18.45 20.91 -5.01
N ASP A 196 -19.17 20.50 -3.95
CA ASP A 196 -20.08 21.43 -3.27
C ASP A 196 -19.37 22.48 -2.42
N LEU A 197 -18.21 22.14 -1.86
CA LEU A 197 -17.45 23.10 -1.10
C LEU A 197 -16.92 24.24 -2.01
N VAL A 198 -16.58 23.93 -3.25
CA VAL A 198 -16.25 24.98 -4.21
C VAL A 198 -17.48 25.89 -4.40
N LYS A 199 -18.66 25.33 -4.55
CA LYS A 199 -19.88 26.16 -4.74
C LYS A 199 -20.16 27.04 -3.54
N LEU A 200 -19.87 26.51 -2.36
CA LEU A 200 -20.01 27.28 -1.12
C LEU A 200 -18.92 28.36 -0.93
N GLY A 201 -17.90 28.31 -1.77
CA GLY A 201 -16.78 29.22 -1.63
C GLY A 201 -15.77 28.87 -0.54
N TRP A 202 -15.88 27.67 0.04
CA TRP A 202 -14.87 27.21 0.97
C TRP A 202 -13.52 26.98 0.35
N THR A 203 -13.49 26.74 -0.96
CA THR A 203 -12.27 26.75 -1.70
C THR A 203 -12.59 27.17 -3.09
N THR A 204 -11.63 27.01 -4.01
CA THR A 204 -11.84 27.37 -5.42
C THR A 204 -11.56 26.15 -6.28
N GLN A 205 -12.06 26.18 -7.50
CA GLN A 205 -11.78 25.11 -8.44
C GLN A 205 -10.29 24.95 -8.69
N GLU A 206 -9.62 26.08 -8.86
CA GLU A 206 -8.17 26.08 -9.09
C GLU A 206 -7.40 25.45 -7.94
N LYS A 207 -7.77 25.78 -6.72
CA LYS A 207 -7.11 25.20 -5.55
CA LYS A 207 -7.11 25.20 -5.55
C LYS A 207 -7.38 23.70 -5.44
N LEU A 208 -8.59 23.30 -5.77
CA LEU A 208 -8.95 21.91 -5.76
C LEU A 208 -8.14 21.15 -6.80
N ASP A 209 -8.09 21.66 -8.02
CA ASP A 209 -7.30 21.02 -9.07
C ASP A 209 -5.85 20.93 -8.68
N ALA A 210 -5.34 21.93 -7.98
CA ALA A 210 -3.92 21.94 -7.62
C ALA A 210 -3.69 20.91 -6.56
N MET A 211 -4.66 20.73 -5.66
CA MET A 211 -4.48 19.66 -4.65
C MET A 211 -4.52 18.25 -5.26
N VAL A 212 -5.36 18.05 -6.26
CA VAL A 212 -5.39 16.78 -7.00
C VAL A 212 -4.05 16.53 -7.67
N GLU A 213 -3.49 17.57 -8.34
CA GLU A 213 -2.22 17.43 -9.03
C GLU A 213 -1.11 17.16 -8.01
N ARG A 214 -1.16 17.84 -6.86
CA ARG A 214 -0.16 17.66 -5.84
C ARG A 214 -0.18 16.20 -5.32
N THR A 215 -1.38 15.62 -5.28
CA THR A 215 -1.49 14.23 -4.89
C THR A 215 -0.89 13.34 -5.94
N ARG A 216 -1.17 13.60 -7.21
CA ARG A 216 -0.52 12.84 -8.26
C ARG A 216 0.98 12.81 -8.14
N LYS A 217 1.55 13.96 -7.82
CA LYS A 217 3.00 14.18 -7.73
C LYS A 217 3.58 13.92 -6.37
N GLY A 218 2.74 13.40 -5.45
CA GLY A 218 3.16 13.42 -4.05
C GLY A 218 4.35 12.64 -3.66
N GLY A 219 4.50 11.47 -4.27
CA GLY A 219 5.66 10.68 -4.03
C GLY A 219 6.93 11.34 -4.47
N GLY A 220 6.88 11.95 -5.65
CA GLY A 220 8.05 12.63 -6.17
C GLY A 220 8.43 13.85 -5.36
N GLU A 221 7.44 14.54 -4.83
CA GLU A 221 7.66 15.69 -3.98
C GLU A 221 8.51 15.32 -2.74
N ILE A 222 8.25 14.15 -2.15
CA ILE A 222 9.05 13.68 -1.02
C ILE A 222 10.47 13.31 -1.49
N VAL A 223 10.58 12.62 -2.62
CA VAL A 223 11.89 12.26 -3.16
C VAL A 223 12.73 13.50 -3.40
N ASN A 224 12.10 14.52 -3.95
CA ASN A 224 12.80 15.72 -4.27
C ASN A 224 13.32 16.47 -3.04
N LEU A 225 12.63 16.29 -1.91
CA LEU A 225 13.06 16.87 -0.64
C LEU A 225 14.15 16.03 0.06
N LEU A 226 13.89 14.73 0.18
CA LEU A 226 14.83 13.83 0.85
C LEU A 226 16.11 13.61 0.06
N LYS A 227 16.00 13.55 -1.27
CA LYS A 227 17.08 13.19 -2.20
C LYS A 227 17.65 11.73 -2.11
N THR A 228 17.75 11.13 -0.93
CA THR A 228 18.40 9.81 -0.78
C THR A 228 17.45 8.62 -0.85
N GLY A 229 16.16 8.89 -0.91
CA GLY A 229 15.18 7.84 -0.85
C GLY A 229 13.81 8.43 -0.97
N SER A 230 12.83 7.52 -0.88
CA SER A 230 11.48 7.89 -1.04
C SER A 230 10.78 7.92 0.33
N ALA A 231 9.51 8.28 0.27
CA ALA A 231 8.68 8.39 1.46
C ALA A 231 8.57 7.05 2.19
N PHE A 232 8.44 7.12 3.51
CA PHE A 232 8.27 5.92 4.26
C PHE A 232 7.25 5.95 5.42
N TYR A 233 7.05 7.14 6.03
CA TYR A 233 6.13 7.23 7.15
C TYR A 233 4.71 7.05 6.70
N ALA A 234 4.29 7.79 5.68
CA ALA A 234 2.92 7.60 5.17
C ALA A 234 2.68 6.27 4.46
N PRO A 235 3.64 5.83 3.63
CA PRO A 235 3.48 4.47 3.12
C PRO A 235 3.30 3.41 4.19
N ALA A 236 4.12 3.47 5.25
CA ALA A 236 4.01 2.44 6.30
C ALA A 236 2.66 2.54 7.04
N ALA A 237 2.28 3.76 7.42
CA ALA A 237 0.97 3.97 8.10
C ALA A 237 -0.19 3.42 7.28
N SER A 238 -0.11 3.62 5.97
CA SER A 238 -1.16 3.20 5.09
C SER A 238 -1.28 1.69 5.08
N ALA A 239 -0.16 1.00 4.97
CA ALA A 239 -0.23 -0.45 4.97
C ALA A 239 -0.61 -1.02 6.30
N ILE A 240 -0.20 -0.38 7.40
CA ILE A 240 -0.62 -0.85 8.71
C ILE A 240 -2.14 -0.74 8.88
N ALA A 241 -2.76 0.29 8.26
CA ALA A 241 -4.21 0.40 8.36
C ALA A 241 -4.87 -0.82 7.72
N MET A 242 -4.33 -1.20 6.58
CA MET A 242 -4.83 -2.38 5.89
C MET A 242 -4.63 -3.65 6.74
N ALA A 243 -3.41 -3.79 7.28
CA ALA A 243 -3.14 -4.95 8.16
C ALA A 243 -4.05 -5.04 9.37
N GLU A 244 -4.27 -3.89 9.99
CA GLU A 244 -5.10 -3.84 11.20
CA GLU A 244 -5.08 -3.86 11.18
C GLU A 244 -6.52 -4.21 10.84
N SER A 245 -7.00 -3.76 9.69
CA SER A 245 -8.35 -4.12 9.29
C SER A 245 -8.53 -5.64 9.15
N TYR A 246 -7.53 -6.29 8.58
CA TYR A 246 -7.51 -7.74 8.55
C TYR A 246 -7.49 -8.40 9.92
N LEU A 247 -6.49 -8.00 10.72
CA LEU A 247 -6.21 -8.66 12.01
C LEU A 247 -7.37 -8.48 12.99
N ARG A 248 -8.04 -7.32 12.95
CA ARG A 248 -9.13 -7.00 13.88
C ARG A 248 -10.49 -7.13 13.23
N ASP A 249 -10.52 -7.68 12.03
CA ASP A 249 -11.77 -7.86 11.27
C ASP A 249 -12.61 -6.59 11.26
N LYS A 250 -11.95 -5.45 10.94
CA LYS A 250 -12.68 -4.20 11.03
C LYS A 250 -13.59 -3.90 9.84
N LYS A 251 -13.31 -4.49 8.67
CA LYS A 251 -14.09 -4.26 7.50
C LYS A 251 -14.03 -2.77 7.12
N ARG A 252 -12.81 -2.24 7.20
CA ARG A 252 -12.54 -0.94 6.61
C ARG A 252 -12.73 -1.02 5.12
N VAL A 253 -13.12 0.12 4.54
CA VAL A 253 -13.27 0.30 3.10
C VAL A 253 -12.11 1.18 2.66
N LEU A 254 -11.15 0.58 1.95
CA LEU A 254 -9.87 1.20 1.70
C LEU A 254 -9.53 0.99 0.24
N PRO A 255 -8.95 1.99 -0.45
CA PRO A 255 -8.56 1.80 -1.86
C PRO A 255 -7.25 1.09 -1.89
N CYS A 256 -7.25 -0.09 -2.47
CA CYS A 256 -6.12 -0.93 -2.57
C CYS A 256 -6.03 -1.58 -3.94
N ALA A 257 -4.83 -2.03 -4.29
CA ALA A 257 -4.66 -2.79 -5.53
C ALA A 257 -5.19 -4.21 -5.22
N ALA A 258 -6.29 -4.55 -5.86
CA ALA A 258 -7.02 -5.81 -5.59
C ALA A 258 -7.30 -6.53 -6.88
N TYR A 259 -7.35 -7.85 -6.76
CA TYR A 259 -7.61 -8.69 -7.91
C TYR A 259 -9.07 -8.62 -8.29
N LEU A 260 -9.31 -8.20 -9.53
CA LEU A 260 -10.68 -8.07 -9.98
C LEU A 260 -11.11 -9.30 -10.79
N ASP A 261 -12.25 -9.84 -10.41
CA ASP A 261 -12.92 -10.99 -11.03
C ASP A 261 -14.17 -10.48 -11.80
N GLY A 262 -14.04 -9.36 -12.51
CA GLY A 262 -15.14 -8.76 -13.26
C GLY A 262 -15.65 -7.42 -12.81
N GLN A 263 -15.39 -7.10 -11.55
CA GLN A 263 -15.74 -5.77 -11.07
C GLN A 263 -15.04 -4.71 -11.88
N TYR A 264 -15.71 -3.57 -12.06
CA TYR A 264 -15.22 -2.47 -12.88
C TYR A 264 -14.95 -2.89 -14.35
N GLY A 265 -15.54 -4.01 -14.75
CA GLY A 265 -15.40 -4.49 -16.06
C GLY A 265 -14.09 -5.20 -16.34
N ILE A 266 -13.34 -5.54 -15.29
CA ILE A 266 -11.99 -5.99 -15.44
C ILE A 266 -11.87 -7.42 -14.89
N ASP A 267 -11.17 -8.30 -15.60
CA ASP A 267 -10.97 -9.68 -15.11
C ASP A 267 -9.49 -10.00 -15.20
N GLY A 268 -8.91 -10.45 -14.07
CA GLY A 268 -7.58 -10.99 -14.08
C GLY A 268 -6.50 -10.03 -13.83
N LEU A 269 -6.85 -8.81 -13.38
CA LEU A 269 -5.79 -7.80 -13.07
C LEU A 269 -5.95 -7.27 -11.66
N TYR A 270 -4.83 -6.88 -11.10
CA TYR A 270 -4.81 -6.04 -9.91
C TYR A 270 -4.95 -4.57 -10.29
N VAL A 271 -6.02 -3.97 -9.75
CA VAL A 271 -6.32 -2.56 -9.98
C VAL A 271 -6.69 -1.88 -8.66
N GLY A 272 -6.32 -0.60 -8.52
CA GLY A 272 -6.70 0.15 -7.30
C GLY A 272 -8.20 0.44 -7.26
N VAL A 273 -8.87 -0.13 -6.25
CA VAL A 273 -10.29 0.00 -6.09
C VAL A 273 -10.63 -0.01 -4.61
N PRO A 274 -11.79 0.52 -4.21
CA PRO A 274 -12.15 0.43 -2.80
C PRO A 274 -12.61 -0.99 -2.45
N VAL A 275 -12.01 -1.53 -1.41
CA VAL A 275 -12.32 -2.87 -0.97
C VAL A 275 -12.58 -2.91 0.52
N VAL A 276 -13.44 -3.84 0.92
CA VAL A 276 -13.66 -4.12 2.33
C VAL A 276 -12.65 -5.17 2.76
N ILE A 277 -11.83 -4.84 3.75
CA ILE A 277 -10.81 -5.74 4.27
C ILE A 277 -11.25 -6.28 5.64
N GLY A 278 -11.42 -7.60 5.76
CA GLY A 278 -11.70 -8.19 7.01
C GLY A 278 -10.97 -9.48 7.15
N GLU A 279 -11.44 -10.30 8.11
CA GLU A 279 -10.71 -11.53 8.40
C GLU A 279 -10.66 -12.50 7.24
N ASN A 280 -11.50 -12.33 6.22
CA ASN A 280 -11.39 -13.18 4.99
C ASN A 280 -10.63 -12.53 3.88
N GLY A 281 -9.89 -11.47 4.20
CA GLY A 281 -9.14 -10.77 3.15
C GLY A 281 -9.98 -9.69 2.48
N VAL A 282 -9.82 -9.59 1.16
CA VAL A 282 -10.64 -8.72 0.39
C VAL A 282 -11.99 -9.36 0.29
N GLU A 283 -12.94 -8.83 0.99
CA GLU A 283 -14.27 -9.45 1.13
C GLU A 283 -15.31 -8.98 0.11
N ARG A 284 -15.19 -7.71 -0.32
CA ARG A 284 -16.09 -7.11 -1.33
C ARG A 284 -15.34 -5.95 -1.95
N VAL A 285 -15.64 -5.73 -3.23
CA VAL A 285 -15.17 -4.52 -3.97
C VAL A 285 -16.34 -3.59 -4.12
N LEU A 286 -16.15 -2.32 -3.77
CA LEU A 286 -17.20 -1.33 -3.97
C LEU A 286 -17.01 -0.75 -5.37
N GLU A 287 -17.95 -1.07 -6.28
CA GLU A 287 -17.89 -0.61 -7.63
C GLU A 287 -18.79 0.59 -7.83
N VAL A 288 -18.20 1.76 -7.91
CA VAL A 288 -19.00 2.96 -8.10
C VAL A 288 -19.35 3.16 -9.56
N THR A 289 -20.31 4.01 -9.79
CA THR A 289 -20.73 4.44 -11.11
C THR A 289 -20.02 5.69 -11.52
N PHE A 290 -19.27 5.59 -12.63
CA PHE A 290 -18.50 6.69 -13.14
C PHE A 290 -19.30 7.63 -14.04
N ASN A 291 -18.87 8.89 -14.04
CA ASN A 291 -19.22 9.83 -15.11
C ASN A 291 -18.19 9.63 -16.29
N ASP A 292 -18.40 10.36 -17.37
CA ASP A 292 -17.58 10.16 -18.54
C ASP A 292 -16.13 10.43 -18.33
N ASP A 293 -15.85 11.52 -17.62
CA ASP A 293 -14.45 11.91 -17.41
C ASP A 293 -13.75 10.82 -16.59
N GLU A 294 -14.45 10.33 -15.56
CA GLU A 294 -13.92 9.27 -14.73
C GLU A 294 -13.72 7.94 -15.48
N LYS A 295 -14.68 7.53 -16.29
CA LYS A 295 -14.56 6.30 -17.12
C LYS A 295 -13.27 6.36 -17.96
N ALA A 296 -13.04 7.49 -18.58
CA ALA A 296 -11.89 7.62 -19.47
C ALA A 296 -10.59 7.60 -18.67
N MET A 297 -10.60 8.26 -17.50
CA MET A 297 -9.42 8.27 -16.63
C MET A 297 -9.14 6.84 -16.14
N PHE A 298 -10.20 6.12 -15.76
CA PHE A 298 -10.04 4.78 -15.27
C PHE A 298 -9.51 3.84 -16.39
N GLU A 299 -10.04 4.02 -17.60
CA GLU A 299 -9.62 3.19 -18.75
C GLU A 299 -8.13 3.39 -19.03
N LYS A 300 -7.66 4.63 -18.96
CA LYS A 300 -6.21 4.92 -19.15
C LYS A 300 -5.40 4.24 -18.10
N SER A 301 -5.85 4.38 -16.85
CA SER A 301 -5.19 3.81 -15.72
C SER A 301 -5.05 2.24 -15.84
N VAL A 302 -6.11 1.58 -16.28
CA VAL A 302 -6.10 0.12 -16.46
C VAL A 302 -5.18 -0.25 -17.63
N ASN A 303 -5.24 0.54 -18.69
CA ASN A 303 -4.30 0.28 -19.80
C ASN A 303 -2.83 0.36 -19.39
N SER A 304 -2.57 1.26 -18.47
CA SER A 304 -1.24 1.44 -17.92
C SER A 304 -0.79 0.16 -17.18
N VAL A 305 -1.70 -0.35 -16.35
CA VAL A 305 -1.49 -1.62 -15.65
C VAL A 305 -1.25 -2.76 -16.63
N LYS A 306 -2.09 -2.87 -17.66
CA LYS A 306 -1.95 -3.90 -18.69
C LYS A 306 -0.56 -3.81 -19.31
N GLY A 307 -0.09 -2.59 -19.60
CA GLY A 307 1.20 -2.42 -20.30
C GLY A 307 2.34 -2.87 -19.43
N LEU A 308 2.25 -2.55 -18.15
CA LEU A 308 3.26 -3.06 -17.18
C LEU A 308 3.25 -4.58 -16.97
N ILE A 309 2.06 -5.21 -16.92
CA ILE A 309 1.96 -6.66 -16.83
C ILE A 309 2.62 -7.24 -18.10
N GLU A 310 2.38 -6.64 -19.26
CA GLU A 310 2.98 -7.15 -20.52
C GLU A 310 4.50 -7.03 -20.45
N ALA A 311 5.01 -5.93 -19.89
CA ALA A 311 6.46 -5.79 -19.68
C ALA A 311 7.02 -6.86 -18.75
N CYS A 312 6.27 -7.22 -17.70
CA CYS A 312 6.68 -8.32 -16.81
C CYS A 312 6.87 -9.63 -17.57
N LYS A 313 5.81 -10.05 -18.27
CA LYS A 313 5.85 -11.25 -19.10
C LYS A 313 7.01 -11.18 -20.10
N SER A 314 7.24 -10.01 -20.71
CA SER A 314 8.39 -9.77 -21.60
C SER A 314 9.76 -9.99 -20.93
N VAL A 315 9.89 -9.56 -19.68
CA VAL A 315 11.13 -9.73 -18.90
C VAL A 315 11.22 -11.01 -18.04
N ASN A 316 10.29 -11.97 -18.15
CA ASN A 316 10.26 -13.14 -17.21
C ASN A 316 9.63 -14.37 -17.84
#